data_3LDK
#
_entry.id   3LDK
#
_cell.length_a   99.350
_cell.length_b   110.967
_cell.length_c   66.129
_cell.angle_alpha   90.00
_cell.angle_beta   90.00
_cell.angle_gamma   90.00
#
_symmetry.space_group_name_H-M   'P 21 21 2'
#
loop_
_entity.id
_entity.type
_entity.pdbx_description
1 polymer Fructosyltransferase
2 branched beta-D-fructofuranose-(2-1)-alpha-D-glucopyranose
3 water water
#
_entity_poly.entity_id   1
_entity_poly.type   'polypeptide(L)'
_entity_poly.pdbx_seq_one_letter_code
;SYHLDTTAPPPTNLSTLPNNTLFHLWRPRAHILPAEGQIGDPCAHYTDPSTGLFHVGFLHDGDGIAGATTANLATYTDTS
DNGSFLIQPGGKNDPVAVFDGAVIPVGVNNTPTLLYTSVSFLPIHWSIPYTRGSETQSLAVARDGGRRFDKLDQGPVIAD
HPFAVDVTAFRAPFVFRSARLDVLLSLDEEVARNETAVQQAVDGWTEKNAPWYVAVSGGVHGVGPAQFLYRQNGGNASEF
QYWEYLGEWWQEATNSSWGDEGTWAGRWGFNFETGNVLFLTEEGHDPQTGEVFVTLGTEGSGLPIVPQVSSIHDMLWAAG
EVGVGSEQEGAKVEFSPSMAGFLDWGFSAYAAAGKVLPASSAVSKTSGVEVDRYVSFVWLTGDQYEQADGFPTAQQGWTG
SLLLPRELKVQTVENVVDNELVREEGVSWVVGESDNQTATLRTLGITIARETKAALLANGSVTAEEDRTLQTAAVVPFAQ
SPSSKFFVLTAQLEFPASARSSPLQSGFEILASELERTAIYYQFSNESLVVDRSQTSAAAPTNPGLDSFTESGKLRLFDV
IENGQEQVETLDLTVVVDNAVVEVYANGRFALSTWARSWYDNSTQIRFFHNGEGEVQFRNVSVSEGLYNAWPER
;
_entity_poly.pdbx_strand_id   A
#
# COMPACT_ATOMS: atom_id res chain seq x y z
N SER A 1 -19.23 -13.52 35.68
CA SER A 1 -19.85 -12.56 34.73
C SER A 1 -18.95 -11.33 34.57
N TYR A 2 -18.30 -11.23 33.42
CA TYR A 2 -17.40 -10.12 33.17
C TYR A 2 -17.81 -9.18 32.02
N HIS A 3 -18.15 -7.93 32.38
CA HIS A 3 -18.51 -6.93 31.38
C HIS A 3 -17.22 -6.13 31.23
N LEU A 4 -16.87 -5.80 29.99
CA LEU A 4 -15.64 -5.06 29.69
C LEU A 4 -15.44 -3.73 30.43
N ASP A 5 -14.40 -3.67 31.26
CA ASP A 5 -14.07 -2.44 31.99
C ASP A 5 -12.63 -2.09 31.59
N THR A 6 -12.47 -1.12 30.70
CA THR A 6 -11.14 -0.74 30.26
C THR A 6 -10.44 0.31 31.13
N THR A 7 -10.84 0.41 32.39
CA THR A 7 -10.19 1.34 33.31
C THR A 7 -9.54 0.40 34.31
N ALA A 8 -9.93 -0.87 34.23
CA ALA A 8 -9.42 -1.90 35.11
C ALA A 8 -8.45 -2.81 34.35
N PRO A 9 -7.65 -3.60 35.08
CA PRO A 9 -6.71 -4.49 34.40
C PRO A 9 -7.45 -5.51 33.53
N PRO A 10 -6.95 -5.75 32.31
CA PRO A 10 -7.60 -6.70 31.41
C PRO A 10 -7.50 -8.13 31.93
N PRO A 11 -8.39 -8.99 31.46
CA PRO A 11 -8.34 -10.39 31.92
C PRO A 11 -7.07 -11.03 31.39
N THR A 12 -6.57 -12.04 32.09
CA THR A 12 -5.36 -12.72 31.65
C THR A 12 -5.57 -13.40 30.29
N ASN A 13 -6.76 -13.93 30.07
CA ASN A 13 -7.06 -14.62 28.82
C ASN A 13 -8.23 -13.94 28.11
N LEU A 14 -7.92 -13.15 27.11
CA LEU A 14 -8.94 -12.42 26.36
C LEU A 14 -9.82 -13.34 25.54
N SER A 15 -9.24 -14.46 25.10
CA SER A 15 -9.95 -15.42 24.27
C SER A 15 -11.08 -16.16 24.97
N THR A 16 -11.25 -15.96 26.28
CA THR A 16 -12.32 -16.64 27.01
C THR A 16 -13.56 -15.76 27.06
N LEU A 17 -13.38 -14.47 26.79
CA LEU A 17 -14.49 -13.53 26.83
C LEU A 17 -15.55 -13.89 25.79
N PRO A 18 -16.79 -13.37 25.97
CA PRO A 18 -17.92 -13.63 25.07
C PRO A 18 -17.78 -12.93 23.70
N ASN A 19 -18.28 -13.59 22.65
CA ASN A 19 -18.23 -13.05 21.30
C ASN A 19 -18.56 -11.56 21.26
N ASN A 20 -17.81 -10.85 20.41
CA ASN A 20 -17.99 -9.41 20.18
C ASN A 20 -17.75 -8.48 21.37
N THR A 21 -17.32 -9.04 22.50
CA THR A 21 -17.08 -8.22 23.68
C THR A 21 -16.04 -7.14 23.43
N LEU A 22 -15.13 -7.39 22.48
CA LEU A 22 -14.06 -6.44 22.15
C LEU A 22 -14.26 -5.69 20.82
N PHE A 23 -15.49 -5.63 20.34
CA PHE A 23 -15.80 -4.97 19.06
C PHE A 23 -15.34 -3.52 18.85
N HIS A 24 -15.39 -2.70 19.90
CA HIS A 24 -15.00 -1.30 19.75
C HIS A 24 -13.67 -0.90 20.35
N LEU A 25 -13.12 -1.76 21.21
CA LEU A 25 -11.86 -1.45 21.88
C LEU A 25 -10.75 -0.87 20.99
N TRP A 26 -10.51 -1.53 19.85
CA TRP A 26 -9.47 -1.10 18.93
C TRP A 26 -9.93 -0.60 17.56
N ARG A 27 -11.22 -0.73 17.28
CA ARG A 27 -11.79 -0.34 16.00
C ARG A 27 -11.59 1.12 15.55
N PRO A 28 -11.14 1.33 14.31
CA PRO A 28 -10.92 2.70 13.80
C PRO A 28 -12.25 3.36 13.42
N ARG A 29 -12.22 4.66 13.14
CA ARG A 29 -13.46 5.36 12.79
C ARG A 29 -13.38 6.04 11.43
N ALA A 30 -12.16 6.28 10.96
CA ALA A 30 -11.98 6.97 9.69
C ALA A 30 -11.31 6.10 8.64
N HIS A 31 -11.35 4.77 8.85
CA HIS A 31 -10.74 3.82 7.94
C HIS A 31 -11.74 2.93 7.21
N ILE A 32 -11.34 2.42 6.06
CA ILE A 32 -12.19 1.54 5.27
C ILE A 32 -12.11 0.09 5.75
N LEU A 33 -13.25 -0.41 6.23
CA LEU A 33 -13.40 -1.80 6.68
C LEU A 33 -14.90 -2.10 6.70
N PRO A 34 -15.28 -3.38 6.57
CA PRO A 34 -16.70 -3.78 6.56
C PRO A 34 -17.41 -3.51 7.90
N ALA A 35 -18.73 -3.59 7.91
CA ALA A 35 -19.48 -3.35 9.14
C ALA A 35 -19.01 -4.30 10.25
N GLU A 36 -18.65 -5.52 9.86
CA GLU A 36 -18.16 -6.52 10.78
C GLU A 36 -17.43 -7.61 9.99
N GLY A 37 -16.80 -8.54 10.69
CA GLY A 37 -16.10 -9.62 10.01
C GLY A 37 -14.72 -9.27 9.51
N GLN A 38 -14.19 -10.09 8.62
CA GLN A 38 -12.84 -9.87 8.15
C GLN A 38 -12.71 -9.28 6.75
N ILE A 39 -11.66 -8.49 6.56
CA ILE A 39 -11.39 -7.87 5.28
C ILE A 39 -10.04 -8.36 4.75
N GLY A 40 -10.04 -8.78 3.48
CA GLY A 40 -8.81 -9.25 2.85
C GLY A 40 -8.24 -8.19 1.91
N ASP A 41 -7.67 -8.64 0.80
CA ASP A 41 -7.07 -7.74 -0.18
C ASP A 41 -8.04 -6.71 -0.73
N PRO A 42 -7.61 -5.44 -0.81
CA PRO A 42 -8.54 -4.46 -1.38
C PRO A 42 -8.36 -4.77 -2.86
N CYS A 43 -9.28 -4.52 -3.65
CA CYS A 43 -9.20 -4.75 -5.09
C CYS A 43 -10.46 -4.25 -5.79
N ALA A 44 -10.48 -4.20 -7.17
CA ALA A 44 -11.62 -3.83 -7.98
C ALA A 44 -12.15 -2.39 -7.86
N HIS A 45 -11.29 -1.41 -7.63
CA HIS A 45 -11.74 -0.03 -7.54
C HIS A 45 -11.93 0.49 -8.96
N TYR A 46 -12.80 1.49 -9.11
CA TYR A 46 -13.07 2.08 -10.42
C TYR A 46 -14.01 3.28 -10.30
N THR A 47 -13.75 4.30 -11.12
CA THR A 47 -14.56 5.49 -11.12
C THR A 47 -15.70 5.16 -12.07
N ASP A 48 -16.94 5.22 -11.59
CA ASP A 48 -18.08 4.94 -12.45
C ASP A 48 -18.21 6.10 -13.44
N PRO A 49 -18.07 5.81 -14.76
CA PRO A 49 -18.15 6.79 -15.84
C PRO A 49 -19.45 7.59 -15.85
N SER A 50 -20.55 6.90 -15.60
CA SER A 50 -21.86 7.52 -15.59
C SER A 50 -22.10 8.48 -14.43
N THR A 51 -21.75 8.04 -13.23
CA THR A 51 -21.99 8.83 -12.02
C THR A 51 -20.79 9.59 -11.46
N GLY A 52 -19.59 9.23 -11.91
CA GLY A 52 -18.40 9.90 -11.40
C GLY A 52 -18.06 9.44 -9.99
N LEU A 53 -18.91 8.61 -9.40
CA LEU A 53 -18.65 8.09 -8.05
C LEU A 53 -17.47 7.14 -8.13
N PHE A 54 -16.71 7.06 -7.05
CA PHE A 54 -15.56 6.16 -7.01
C PHE A 54 -15.93 4.94 -6.19
N HIS A 55 -15.74 3.76 -6.76
CA HIS A 55 -16.05 2.53 -6.07
C HIS A 55 -14.81 1.88 -5.47
N VAL A 56 -14.98 1.32 -4.28
CA VAL A 56 -13.88 0.64 -3.62
C VAL A 56 -14.31 -0.81 -3.42
N GLY A 57 -13.37 -1.73 -3.58
CA GLY A 57 -13.69 -3.12 -3.39
C GLY A 57 -12.66 -3.75 -2.48
N PHE A 58 -12.98 -4.83 -1.97
CA PHE A 58 -12.07 -5.57 -1.09
C PHE A 58 -12.60 -6.96 -0.80
N LEU A 59 -11.72 -8.01 -0.66
CA LEU A 59 -12.11 -9.37 -0.34
C LEU A 59 -12.71 -9.30 1.07
N HIS A 60 -13.73 -10.09 1.31
CA HIS A 60 -14.41 -10.07 2.60
C HIS A 60 -14.79 -11.47 3.06
N ASP A 61 -14.32 -11.83 4.26
CA ASP A 61 -14.56 -13.14 4.86
C ASP A 61 -14.13 -14.30 3.99
N GLY A 62 -13.16 -14.07 3.11
CA GLY A 62 -12.69 -15.12 2.23
C GLY A 62 -13.86 -15.66 1.42
N ASP A 63 -14.90 -14.85 1.29
CA ASP A 63 -16.08 -15.28 0.54
C ASP A 63 -16.41 -14.37 -0.63
N GLY A 64 -15.37 -13.78 -1.23
CA GLY A 64 -15.58 -12.91 -2.37
C GLY A 64 -15.31 -11.43 -2.15
N ILE A 65 -15.60 -10.65 -3.18
CA ILE A 65 -15.38 -9.20 -3.18
C ILE A 65 -16.62 -8.41 -2.76
N ALA A 66 -16.43 -7.50 -1.81
CA ALA A 66 -17.52 -6.64 -1.34
C ALA A 66 -17.19 -5.23 -1.79
N GLY A 67 -18.15 -4.31 -1.70
CA GLY A 67 -17.88 -2.96 -2.14
C GLY A 67 -18.48 -1.82 -1.35
N ALA A 68 -18.16 -0.62 -1.79
CA ALA A 68 -18.65 0.62 -1.20
C ALA A 68 -18.31 1.70 -2.19
N THR A 69 -18.99 2.83 -2.08
CA THR A 69 -18.76 3.93 -3.00
C THR A 69 -18.51 5.22 -2.24
N THR A 70 -17.89 6.19 -2.90
CA THR A 70 -17.63 7.49 -2.28
C THR A 70 -17.77 8.59 -3.31
N ALA A 71 -18.13 9.78 -2.86
CA ALA A 71 -18.30 10.92 -3.74
C ALA A 71 -17.22 11.96 -3.45
N ASN A 72 -16.64 11.86 -2.26
CA ASN A 72 -15.62 12.82 -1.82
C ASN A 72 -14.26 12.23 -1.48
N LEU A 73 -14.21 10.91 -1.43
CA LEU A 73 -13.02 10.20 -1.03
C LEU A 73 -12.80 10.40 0.47
N ALA A 74 -13.75 11.03 1.14
CA ALA A 74 -13.57 11.25 2.56
C ALA A 74 -14.52 10.28 3.28
N THR A 75 -15.86 10.11 2.81
CA THR A 75 -16.92 9.30 3.42
C THR A 75 -17.30 8.15 2.49
N TYR A 76 -17.83 7.07 3.07
CA TYR A 76 -18.21 5.91 2.28
C TYR A 76 -19.59 5.35 2.59
N THR A 77 -20.13 4.61 1.64
CA THR A 77 -21.42 3.96 1.75
C THR A 77 -21.31 2.54 1.22
N ASP A 78 -21.78 1.57 2.00
CA ASP A 78 -21.73 0.18 1.58
C ASP A 78 -22.67 0.01 0.38
N THR A 79 -22.29 -0.84 -0.56
CA THR A 79 -23.13 -1.07 -1.72
C THR A 79 -24.42 -1.77 -1.30
N SER A 80 -24.32 -2.61 -0.28
CA SER A 80 -25.49 -3.36 0.12
C SER A 80 -25.29 -3.88 1.53
N ASP A 81 -26.35 -4.47 2.09
CA ASP A 81 -26.32 -4.97 3.45
C ASP A 81 -25.83 -6.39 3.37
N ASN A 82 -25.75 -7.08 4.50
CA ASN A 82 -25.28 -8.45 4.45
C ASN A 82 -23.90 -8.55 3.80
N GLY A 83 -23.05 -7.75 4.22
CA GLY A 83 -21.72 -7.97 3.72
C GLY A 83 -21.29 -7.04 2.59
N SER A 84 -22.36 -6.48 1.82
CA SER A 84 -22.05 -5.55 0.74
C SER A 84 -21.22 -6.17 -0.38
N PHE A 85 -21.53 -7.53 -0.49
CA PHE A 85 -20.77 -8.23 -1.54
C PHE A 85 -21.14 -7.84 -2.98
N LEU A 86 -20.17 -8.04 -3.91
CA LEU A 86 -20.38 -7.72 -5.32
C LEU A 86 -20.39 -8.99 -6.15
N ILE A 87 -19.61 -9.97 -5.72
CA ILE A 87 -19.52 -11.25 -6.43
C ILE A 87 -18.93 -12.25 -5.46
N GLN A 88 -19.37 -13.50 -5.55
CA GLN A 88 -18.92 -14.55 -4.64
C GLN A 88 -18.74 -15.89 -5.37
N PRO A 89 -17.96 -16.81 -4.78
CA PRO A 89 -17.75 -18.10 -5.44
C PRO A 89 -19.00 -18.96 -5.51
N GLY A 90 -18.96 -19.97 -6.36
CA GLY A 90 -20.08 -20.85 -6.53
C GLY A 90 -20.41 -21.02 -8.00
N GLY A 91 -19.77 -20.22 -8.86
CA GLY A 91 -20.00 -20.33 -10.28
C GLY A 91 -19.31 -21.56 -10.85
N LYS A 92 -19.39 -21.73 -12.17
CA LYS A 92 -18.75 -22.86 -12.85
C LYS A 92 -17.26 -22.59 -12.99
N ASN A 93 -16.89 -21.31 -13.00
CA ASN A 93 -15.49 -20.93 -13.13
C ASN A 93 -14.77 -20.74 -11.79
N ASP A 94 -15.54 -20.42 -10.75
CA ASP A 94 -14.99 -20.18 -9.41
C ASP A 94 -15.74 -21.01 -8.38
N PRO A 95 -15.78 -22.34 -8.56
CA PRO A 95 -16.50 -23.16 -7.59
C PRO A 95 -15.96 -23.13 -6.17
N VAL A 96 -14.66 -22.88 -6.03
CA VAL A 96 -14.06 -22.86 -4.70
C VAL A 96 -13.84 -21.49 -4.10
N ALA A 97 -13.39 -20.51 -4.88
CA ALA A 97 -13.17 -19.17 -4.35
C ALA A 97 -13.07 -18.08 -5.41
N VAL A 98 -13.17 -16.84 -4.96
CA VAL A 98 -13.08 -15.66 -5.81
C VAL A 98 -11.94 -14.77 -5.29
N PHE A 99 -10.84 -14.71 -6.04
CA PHE A 99 -9.69 -13.89 -5.62
C PHE A 99 -9.72 -12.49 -6.24
N ASP A 100 -8.57 -11.74 -5.99
CA ASP A 100 -8.42 -10.35 -6.46
C ASP A 100 -8.73 -10.18 -7.94
N GLY A 101 -9.32 -9.01 -8.36
CA GLY A 101 -9.67 -8.70 -9.74
C GLY A 101 -9.63 -7.18 -9.93
N ALA A 102 -9.73 -6.73 -11.18
CA ALA A 102 -9.71 -5.31 -11.50
C ALA A 102 -10.86 -4.96 -12.45
N VAL A 103 -11.10 -3.67 -12.63
CA VAL A 103 -12.21 -3.23 -13.45
C VAL A 103 -11.90 -2.32 -14.65
N ILE A 104 -12.55 -2.60 -15.77
CA ILE A 104 -12.41 -1.77 -16.98
C ILE A 104 -13.71 -0.96 -16.92
N PRO A 105 -13.62 0.37 -16.74
CA PRO A 105 -14.82 1.22 -16.67
C PRO A 105 -15.82 1.05 -17.82
N VAL A 106 -15.32 1.07 -19.06
CA VAL A 106 -16.18 0.90 -20.23
C VAL A 106 -15.79 -0.43 -20.89
N GLY A 107 -16.49 -1.50 -20.53
CA GLY A 107 -16.15 -2.81 -21.07
C GLY A 107 -17.26 -3.48 -21.86
N VAL A 108 -17.70 -4.63 -21.39
CA VAL A 108 -18.76 -5.32 -22.10
C VAL A 108 -20.06 -4.55 -21.93
N ASN A 109 -20.79 -4.41 -23.03
CA ASN A 109 -22.04 -3.67 -23.05
C ASN A 109 -21.77 -2.24 -22.56
N ASN A 110 -20.53 -1.80 -22.74
CA ASN A 110 -20.11 -0.47 -22.36
C ASN A 110 -20.36 -0.18 -20.89
N THR A 111 -20.24 -1.21 -20.06
CA THR A 111 -20.45 -1.04 -18.63
C THR A 111 -19.24 -1.54 -17.87
N PRO A 112 -19.10 -1.12 -16.60
CA PRO A 112 -17.97 -1.57 -15.78
C PRO A 112 -17.85 -3.09 -15.83
N THR A 113 -16.68 -3.56 -16.24
CA THR A 113 -16.44 -4.99 -16.34
C THR A 113 -15.27 -5.45 -15.50
N LEU A 114 -15.50 -6.49 -14.70
CA LEU A 114 -14.49 -7.05 -13.81
C LEU A 114 -13.76 -8.28 -14.37
N LEU A 115 -12.43 -8.21 -14.34
CA LEU A 115 -11.57 -9.30 -14.76
C LEU A 115 -10.97 -9.76 -13.42
N TYR A 116 -11.28 -10.99 -13.02
CA TYR A 116 -10.82 -11.46 -11.73
C TYR A 116 -10.40 -12.92 -11.73
N THR A 117 -9.67 -13.31 -10.70
CA THR A 117 -9.22 -14.67 -10.60
C THR A 117 -10.31 -15.56 -10.02
N SER A 118 -10.76 -16.49 -10.86
CA SER A 118 -11.78 -17.46 -10.49
C SER A 118 -10.99 -18.68 -10.02
N VAL A 119 -11.30 -19.16 -8.82
CA VAL A 119 -10.58 -20.28 -8.24
C VAL A 119 -11.34 -21.60 -8.21
N SER A 120 -10.66 -22.68 -8.60
CA SER A 120 -11.28 -23.99 -8.64
C SER A 120 -10.67 -25.02 -7.69
N PHE A 121 -9.45 -24.75 -7.22
CA PHE A 121 -8.76 -25.67 -6.33
C PHE A 121 -7.94 -24.94 -5.28
N LEU A 122 -7.86 -25.55 -4.09
CA LEU A 122 -7.08 -25.03 -2.98
C LEU A 122 -6.41 -26.23 -2.32
N PRO A 123 -5.29 -26.00 -1.64
CA PRO A 123 -4.66 -24.68 -1.45
C PRO A 123 -3.80 -24.26 -2.63
N ILE A 124 -3.34 -23.01 -2.58
CA ILE A 124 -2.46 -22.46 -3.60
C ILE A 124 -1.33 -21.68 -2.91
N HIS A 125 -0.11 -22.20 -2.99
CA HIS A 125 1.02 -21.50 -2.38
C HIS A 125 2.30 -21.73 -3.17
N TRP A 126 3.16 -20.72 -3.20
CA TRP A 126 4.41 -20.86 -3.95
C TRP A 126 5.28 -22.03 -3.46
N SER A 127 5.18 -22.37 -2.18
CA SER A 127 5.99 -23.44 -1.60
C SER A 127 5.51 -24.88 -1.81
N ILE A 128 4.38 -25.07 -2.51
CA ILE A 128 3.89 -26.41 -2.76
C ILE A 128 3.54 -26.60 -4.23
N PRO A 129 3.42 -27.85 -4.68
CA PRO A 129 3.09 -28.06 -6.10
C PRO A 129 1.81 -27.33 -6.49
N TYR A 130 1.79 -26.78 -7.69
CA TYR A 130 0.63 -26.06 -8.21
C TYR A 130 -0.31 -27.03 -8.89
N THR A 131 -1.59 -27.01 -8.51
CA THR A 131 -2.59 -27.88 -9.12
C THR A 131 -3.08 -27.21 -10.40
N ARG A 132 -2.92 -27.89 -11.53
CA ARG A 132 -3.35 -27.36 -12.83
C ARG A 132 -4.80 -26.84 -12.71
N GLY A 133 -5.09 -25.73 -13.39
CA GLY A 133 -6.43 -25.15 -13.36
C GLY A 133 -6.83 -24.45 -12.06
N SER A 134 -5.91 -24.36 -11.09
CA SER A 134 -6.21 -23.71 -9.82
C SER A 134 -6.80 -22.32 -9.96
N GLU A 135 -6.16 -21.47 -10.75
CA GLU A 135 -6.60 -20.08 -10.96
C GLU A 135 -6.80 -19.68 -12.41
N THR A 136 -8.00 -19.20 -12.76
CA THR A 136 -8.29 -18.74 -14.12
C THR A 136 -8.80 -17.29 -14.04
N GLN A 137 -8.80 -16.56 -15.16
CA GLN A 137 -9.28 -15.17 -15.09
C GLN A 137 -10.64 -15.01 -15.79
N SER A 138 -11.64 -14.58 -15.03
CA SER A 138 -12.99 -14.44 -15.55
C SER A 138 -13.58 -13.02 -15.64
N LEU A 139 -14.68 -12.92 -16.38
CA LEU A 139 -15.36 -11.65 -16.58
C LEU A 139 -16.72 -11.61 -15.90
N ALA A 140 -17.08 -10.43 -15.41
CA ALA A 140 -18.36 -10.21 -14.77
C ALA A 140 -18.73 -8.76 -15.09
N VAL A 141 -20.03 -8.50 -15.19
CA VAL A 141 -20.48 -7.17 -15.54
C VAL A 141 -21.27 -6.50 -14.42
N ALA A 142 -21.01 -5.21 -14.22
CA ALA A 142 -21.67 -4.44 -13.17
C ALA A 142 -23.16 -4.22 -13.44
N ARG A 143 -23.91 -4.54 -12.48
CA ARG A 143 -25.34 -4.52 -12.70
C ARG A 143 -26.08 -3.91 -11.52
N ASP A 144 -26.85 -2.76 -11.81
CA ASP A 144 -27.75 -2.16 -10.81
C ASP A 144 -27.09 -1.20 -9.83
N GLY A 145 -25.84 -0.70 -10.35
CA GLY A 145 -25.12 0.44 -9.81
C GLY A 145 -23.67 0.19 -9.41
N GLY A 146 -23.09 -0.86 -9.76
CA GLY A 146 -21.87 -1.50 -9.33
C GLY A 146 -22.11 -2.13 -7.97
N ARG A 147 -23.41 -2.31 -7.74
CA ARG A 147 -23.80 -2.82 -6.43
C ARG A 147 -23.84 -4.34 -6.49
N ARG A 148 -23.65 -4.84 -7.61
CA ARG A 148 -23.54 -6.26 -7.87
C ARG A 148 -22.89 -6.50 -9.22
N PHE A 149 -21.95 -7.57 -9.41
CA PHE A 149 -21.28 -7.93 -10.65
C PHE A 149 -21.72 -9.32 -11.10
N ASP A 150 -22.33 -9.40 -12.27
CA ASP A 150 -22.80 -10.66 -12.81
C ASP A 150 -21.77 -11.34 -13.69
N LYS A 151 -21.41 -12.55 -13.29
CA LYS A 151 -20.43 -13.32 -14.05
C LYS A 151 -21.02 -13.58 -15.44
N LEU A 152 -20.23 -13.40 -16.48
CA LEU A 152 -20.74 -13.68 -17.82
C LEU A 152 -20.91 -15.19 -17.88
N ASP A 153 -21.89 -15.66 -18.66
CA ASP A 153 -22.18 -17.09 -18.75
C ASP A 153 -21.30 -17.80 -19.78
N GLN A 154 -20.05 -18.03 -19.39
CA GLN A 154 -19.07 -18.68 -20.24
C GLN A 154 -17.86 -18.94 -19.36
N GLY A 155 -16.92 -19.74 -19.83
CA GLY A 155 -15.73 -20.01 -19.05
C GLY A 155 -14.82 -18.79 -19.01
N PRO A 156 -13.69 -18.88 -18.33
CA PRO A 156 -12.73 -17.77 -18.23
C PRO A 156 -12.17 -17.32 -19.60
N VAL A 157 -11.82 -16.04 -19.70
CA VAL A 157 -11.25 -15.49 -20.94
C VAL A 157 -9.75 -15.76 -21.03
N ILE A 158 -9.18 -16.22 -19.92
CA ILE A 158 -7.79 -16.59 -19.84
C ILE A 158 -7.92 -17.85 -19.01
N ALA A 159 -8.09 -18.97 -19.70
CA ALA A 159 -8.33 -20.24 -19.05
C ALA A 159 -7.15 -21.05 -18.58
N ASP A 160 -5.95 -20.48 -18.65
CA ASP A 160 -4.76 -21.23 -18.24
C ASP A 160 -3.53 -20.32 -18.16
N HIS A 161 -2.56 -20.72 -17.35
CA HIS A 161 -1.31 -19.96 -17.20
C HIS A 161 -0.47 -20.26 -18.44
N PRO A 162 0.60 -19.47 -18.68
CA PRO A 162 1.46 -19.69 -19.84
C PRO A 162 1.74 -21.19 -20.10
N PHE A 163 1.73 -21.56 -21.37
CA PHE A 163 1.92 -22.95 -21.76
C PHE A 163 3.15 -23.66 -21.20
N ALA A 164 2.88 -24.78 -20.53
CA ALA A 164 3.91 -25.62 -19.94
C ALA A 164 4.82 -24.90 -18.95
N VAL A 165 4.42 -23.71 -18.53
CA VAL A 165 5.22 -22.98 -17.54
C VAL A 165 4.78 -23.40 -16.13
N ASP A 166 5.72 -23.90 -15.33
CA ASP A 166 5.42 -24.33 -13.98
C ASP A 166 5.35 -23.15 -12.99
N VAL A 167 4.30 -22.36 -13.10
CA VAL A 167 4.09 -21.18 -12.26
C VAL A 167 3.78 -21.48 -10.80
N THR A 168 4.17 -20.55 -9.93
CA THR A 168 3.94 -20.68 -8.51
C THR A 168 2.57 -20.08 -8.20
N ALA A 169 2.16 -19.13 -9.03
CA ALA A 169 0.89 -18.44 -8.85
C ALA A 169 0.47 -17.75 -10.16
N PHE A 170 -0.90 -17.81 -10.28
CA PHE A 170 -1.43 -17.16 -11.48
C PHE A 170 -2.71 -16.40 -11.09
N ARG A 171 -2.49 -15.04 -10.55
CA ARG A 171 -3.66 -14.33 -10.08
C ARG A 171 -3.54 -12.80 -9.89
N ALA A 172 -4.63 -12.19 -9.46
CA ALA A 172 -4.72 -10.74 -9.21
C ALA A 172 -4.52 -9.90 -10.45
N PRO A 173 -5.29 -10.17 -11.52
CA PRO A 173 -5.13 -9.39 -12.75
C PRO A 173 -5.37 -7.90 -12.51
N PHE A 174 -4.53 -7.07 -13.10
CA PHE A 174 -4.64 -5.61 -12.97
C PHE A 174 -4.65 -5.02 -14.38
N VAL A 175 -5.69 -4.26 -14.71
CA VAL A 175 -5.80 -3.66 -16.04
C VAL A 175 -5.32 -2.22 -16.13
N PHE A 176 -4.65 -1.91 -17.23
CA PHE A 176 -4.13 -0.56 -17.43
C PHE A 176 -3.90 -0.23 -18.91
N ARG A 177 -3.70 1.06 -19.19
CA ARG A 177 -3.42 1.51 -20.55
C ARG A 177 -2.05 2.17 -20.52
N SER A 178 -1.32 2.09 -21.62
CA SER A 178 0.03 2.64 -21.68
C SER A 178 0.44 3.12 -23.07
N ALA A 179 0.73 4.42 -23.16
CA ALA A 179 1.13 5.01 -24.43
C ALA A 179 2.43 4.35 -24.93
N ARG A 180 3.36 4.14 -24.01
CA ARG A 180 4.65 3.54 -24.36
C ARG A 180 4.60 2.07 -24.76
N LEU A 181 3.67 1.30 -24.20
CA LEU A 181 3.56 -0.13 -24.54
C LEU A 181 2.96 -0.27 -25.94
N ASP A 182 2.06 0.64 -26.28
CA ASP A 182 1.44 0.61 -27.60
C ASP A 182 2.49 0.96 -28.66
N VAL A 183 3.26 2.01 -28.40
CA VAL A 183 4.30 2.44 -29.33
C VAL A 183 5.35 1.34 -29.50
N LEU A 184 5.85 0.81 -28.39
CA LEU A 184 6.85 -0.24 -28.43
C LEU A 184 6.38 -1.48 -29.19
N LEU A 185 5.09 -1.82 -29.07
CA LEU A 185 4.55 -2.99 -29.75
C LEU A 185 4.09 -2.66 -31.17
N SER A 186 3.80 -1.39 -31.43
CA SER A 186 3.34 -0.98 -32.75
C SER A 186 4.49 -0.65 -33.71
N LEU A 187 5.57 -0.10 -33.17
CA LEU A 187 6.73 0.27 -33.98
C LEU A 187 7.54 -0.92 -34.49
N ASP A 188 8.63 -0.59 -35.19
CA ASP A 188 9.54 -1.59 -35.74
C ASP A 188 10.44 -2.07 -34.60
N GLU A 189 11.33 -3.00 -34.90
CA GLU A 189 12.24 -3.50 -33.88
C GLU A 189 13.51 -2.65 -33.87
N GLU A 190 13.99 -2.26 -35.05
CA GLU A 190 15.18 -1.44 -35.17
C GLU A 190 14.82 0.04 -35.16
N VAL A 191 13.53 0.32 -35.07
CA VAL A 191 13.03 1.70 -35.05
C VAL A 191 12.51 2.04 -33.66
N ALA A 192 12.03 1.02 -32.94
CA ALA A 192 11.53 1.21 -31.59
C ALA A 192 12.68 1.04 -30.60
N ARG A 193 13.90 1.23 -31.11
CA ARG A 193 15.09 1.14 -30.29
C ARG A 193 15.44 2.54 -29.80
N ASN A 194 15.61 3.47 -30.74
CA ASN A 194 15.95 4.85 -30.40
C ASN A 194 14.78 5.52 -29.68
N GLU A 195 15.04 5.94 -28.44
CA GLU A 195 14.09 6.78 -27.71
C GLU A 195 13.59 7.98 -28.54
N THR A 196 14.19 8.33 -29.67
CA THR A 196 13.84 9.53 -30.41
C THR A 196 12.54 9.34 -31.18
N ALA A 197 12.54 8.21 -32.02
CA ALA A 197 11.43 7.84 -32.88
C ALA A 197 10.20 7.42 -32.08
N VAL A 198 10.51 6.71 -30.83
CA VAL A 198 9.45 6.23 -29.96
C VAL A 198 8.69 7.40 -29.34
N GLN A 199 9.42 8.29 -28.66
CA GLN A 199 8.83 9.45 -28.02
C GLN A 199 7.91 10.18 -28.99
N GLN A 200 8.42 10.37 -30.20
CA GLN A 200 7.68 11.05 -31.25
C GLN A 200 6.34 10.38 -31.53
N ALA A 201 6.28 9.06 -31.38
CA ALA A 201 5.04 8.32 -31.60
C ALA A 201 4.13 8.49 -30.38
N VAL A 202 4.74 8.37 -29.20
CA VAL A 202 4.02 8.51 -27.94
C VAL A 202 3.27 9.84 -27.88
N ASP A 203 3.85 10.88 -28.46
CA ASP A 203 3.24 12.20 -28.47
C ASP A 203 1.86 12.19 -29.14
N GLY A 204 1.63 11.25 -30.04
CA GLY A 204 0.34 11.20 -30.72
C GLY A 204 -0.69 10.29 -30.06
N TRP A 205 -0.23 9.36 -29.24
CA TRP A 205 -1.09 8.41 -28.55
C TRP A 205 -2.40 9.01 -28.03
N THR A 206 -3.47 8.22 -28.05
CA THR A 206 -4.77 8.64 -27.56
C THR A 206 -5.40 7.58 -26.65
N GLU A 207 -5.51 7.94 -25.38
CA GLU A 207 -6.04 7.08 -24.33
C GLU A 207 -7.42 6.45 -24.56
N LYS A 208 -8.35 7.23 -25.11
CA LYS A 208 -9.73 6.77 -25.34
C LYS A 208 -9.97 5.60 -26.29
N ASN A 209 -8.97 5.20 -27.05
CA ASN A 209 -9.17 4.10 -27.99
C ASN A 209 -8.05 3.08 -27.83
N ALA A 210 -7.19 3.33 -26.85
CA ALA A 210 -6.06 2.47 -26.57
C ALA A 210 -6.54 1.14 -26.01
N PRO A 211 -5.82 0.04 -26.29
CA PRO A 211 -6.20 -1.28 -25.79
C PRO A 211 -5.80 -1.44 -24.31
N TRP A 212 -6.32 -2.48 -23.67
CA TRP A 212 -6.01 -2.71 -22.27
C TRP A 212 -4.94 -3.78 -22.02
N TYR A 213 -4.09 -3.53 -21.03
CA TYR A 213 -3.05 -4.48 -20.68
C TYR A 213 -3.46 -5.16 -19.38
N VAL A 214 -3.01 -6.39 -19.19
CA VAL A 214 -3.33 -7.12 -17.97
C VAL A 214 -2.04 -7.72 -17.41
N ALA A 215 -1.74 -7.37 -16.17
CA ALA A 215 -0.56 -7.89 -15.49
C ALA A 215 -1.07 -8.89 -14.46
N VAL A 216 -0.64 -10.14 -14.60
CA VAL A 216 -1.03 -11.20 -13.70
C VAL A 216 0.19 -11.51 -12.83
N SER A 217 -0.02 -11.67 -11.53
CA SER A 217 1.08 -11.91 -10.60
C SER A 217 1.37 -13.36 -10.19
N GLY A 218 2.65 -13.64 -9.99
CA GLY A 218 3.05 -14.97 -9.57
C GLY A 218 4.55 -15.16 -9.65
N GLY A 219 4.92 -16.31 -10.22
CA GLY A 219 6.32 -16.67 -10.37
C GLY A 219 6.37 -18.03 -11.05
N VAL A 220 7.57 -18.59 -11.15
CA VAL A 220 7.79 -19.88 -11.78
C VAL A 220 8.67 -20.72 -10.86
N HIS A 221 8.21 -21.92 -10.53
CA HIS A 221 8.99 -22.81 -9.66
C HIS A 221 10.40 -22.99 -10.17
N GLY A 222 11.43 -22.66 -9.47
CA GLY A 222 12.82 -23.00 -9.72
C GLY A 222 13.63 -21.94 -10.44
N VAL A 223 12.93 -20.88 -10.83
CA VAL A 223 13.45 -19.87 -11.73
C VAL A 223 13.22 -18.52 -11.10
N GLY A 224 11.99 -18.24 -10.67
CA GLY A 224 11.84 -17.01 -9.91
C GLY A 224 10.47 -16.36 -10.01
N PRO A 225 10.17 -15.28 -9.27
CA PRO A 225 8.86 -14.61 -9.33
C PRO A 225 8.78 -13.87 -10.66
N ALA A 226 7.56 -13.34 -10.80
CA ALA A 226 7.41 -12.64 -12.08
C ALA A 226 5.99 -12.15 -12.27
N GLN A 227 5.82 -11.28 -13.27
CA GLN A 227 4.50 -10.79 -13.62
C GLN A 227 4.27 -11.22 -15.06
N PHE A 228 3.07 -11.70 -15.34
CA PHE A 228 2.73 -12.15 -16.69
C PHE A 228 1.90 -11.07 -17.35
N LEU A 229 2.33 -10.62 -18.53
CA LEU A 229 1.64 -9.56 -19.26
C LEU A 229 0.79 -10.05 -20.43
N TYR A 230 -0.39 -9.47 -20.55
CA TYR A 230 -1.33 -9.78 -21.63
C TYR A 230 -1.91 -8.47 -22.11
N ARG A 231 -2.72 -8.53 -23.17
CA ARG A 231 -3.41 -7.36 -23.69
C ARG A 231 -4.48 -7.81 -24.67
N GLN A 232 -5.50 -6.96 -24.85
CA GLN A 232 -6.58 -7.26 -25.77
C GLN A 232 -5.92 -7.73 -27.06
N ASN A 233 -6.37 -8.88 -27.55
CA ASN A 233 -5.81 -9.47 -28.75
C ASN A 233 -5.64 -8.53 -29.93
N GLY A 234 -4.43 -8.54 -30.51
CA GLY A 234 -4.14 -7.71 -31.65
C GLY A 234 -4.12 -6.23 -31.31
N GLY A 235 -4.28 -5.89 -30.04
CA GLY A 235 -4.28 -4.50 -29.62
C GLY A 235 -5.62 -3.89 -29.95
N ASN A 236 -6.65 -4.71 -29.94
CA ASN A 236 -7.99 -4.24 -30.26
C ASN A 236 -8.82 -3.90 -29.02
N ALA A 237 -9.01 -2.60 -28.79
CA ALA A 237 -9.75 -2.11 -27.64
C ALA A 237 -11.17 -2.65 -27.54
N SER A 238 -11.66 -3.28 -28.60
CA SER A 238 -13.01 -3.83 -28.57
C SER A 238 -13.02 -5.32 -28.24
N GLU A 239 -11.83 -5.90 -28.11
CA GLU A 239 -11.72 -7.33 -27.82
C GLU A 239 -11.57 -7.67 -26.34
N PHE A 240 -12.58 -8.31 -25.77
CA PHE A 240 -12.56 -8.69 -24.35
C PHE A 240 -12.54 -10.21 -24.13
N GLN A 241 -12.63 -10.97 -25.22
CA GLN A 241 -12.63 -12.43 -25.11
C GLN A 241 -11.22 -12.97 -25.15
N TYR A 242 -10.46 -12.57 -26.16
CA TYR A 242 -9.10 -13.04 -26.31
C TYR A 242 -8.01 -12.05 -25.93
N TRP A 243 -7.07 -12.53 -25.12
CA TRP A 243 -5.97 -11.73 -24.64
C TRP A 243 -4.63 -12.32 -25.04
N GLU A 244 -3.94 -11.67 -25.98
CA GLU A 244 -2.62 -12.16 -26.38
C GLU A 244 -1.60 -12.04 -25.26
N TYR A 245 -0.97 -13.16 -24.94
CA TYR A 245 0.04 -13.21 -23.90
C TYR A 245 1.29 -12.50 -24.42
N LEU A 246 1.79 -11.54 -23.65
CA LEU A 246 2.98 -10.79 -24.07
C LEU A 246 4.28 -11.27 -23.43
N GLY A 247 4.17 -12.21 -22.49
CA GLY A 247 5.36 -12.73 -21.83
C GLY A 247 5.58 -12.31 -20.39
N GLU A 248 6.71 -12.71 -19.83
CA GLU A 248 7.05 -12.36 -18.46
C GLU A 248 7.80 -11.02 -18.48
N TRP A 249 7.06 -9.96 -18.76
CA TRP A 249 7.63 -8.63 -18.88
C TRP A 249 8.55 -8.22 -17.71
N TRP A 250 8.37 -8.87 -16.57
CA TRP A 250 9.23 -8.61 -15.42
C TRP A 250 9.38 -9.86 -14.57
N GLN A 251 10.63 -10.21 -14.27
CA GLN A 251 10.93 -11.37 -13.44
C GLN A 251 12.27 -11.16 -12.75
N GLU A 252 12.45 -11.85 -11.62
CA GLU A 252 13.69 -11.76 -10.85
C GLU A 252 14.00 -13.18 -10.35
N ALA A 253 15.27 -13.44 -10.02
CA ALA A 253 15.64 -14.77 -9.54
C ALA A 253 15.14 -15.01 -8.13
N THR A 254 14.78 -16.25 -7.86
CA THR A 254 14.27 -16.62 -6.55
C THR A 254 15.02 -15.93 -5.42
N ASN A 255 14.25 -15.40 -4.48
CA ASN A 255 14.76 -14.70 -3.32
C ASN A 255 15.98 -13.83 -3.58
N SER A 256 16.03 -13.21 -4.76
CA SER A 256 17.12 -12.30 -5.05
C SER A 256 16.55 -10.99 -4.48
N SER A 257 17.23 -9.87 -4.68
CA SER A 257 16.72 -8.61 -4.15
C SER A 257 17.43 -7.37 -4.65
N TRP A 258 16.71 -6.24 -4.59
CA TRP A 258 17.24 -4.95 -5.03
C TRP A 258 18.45 -4.59 -4.18
N GLY A 259 19.52 -4.13 -4.82
CA GLY A 259 20.72 -3.79 -4.08
C GLY A 259 21.48 -5.05 -3.70
N ASP A 260 22.75 -4.89 -3.39
CA ASP A 260 23.59 -6.03 -3.04
C ASP A 260 23.16 -6.71 -1.74
N GLU A 261 22.65 -5.94 -0.78
CA GLU A 261 22.25 -6.53 0.49
C GLU A 261 20.78 -6.37 0.85
N GLY A 262 19.95 -6.03 -0.13
CA GLY A 262 18.53 -5.86 0.15
C GLY A 262 18.26 -4.97 1.35
N THR A 263 18.71 -3.73 1.25
CA THR A 263 18.57 -2.76 2.34
C THR A 263 17.41 -1.78 2.19
N TRP A 264 17.04 -1.29 0.96
CA TRP A 264 15.98 -0.31 0.73
C TRP A 264 14.65 -0.85 0.23
N ALA A 265 14.66 -1.98 -0.38
CA ALA A 265 13.41 -2.48 -0.96
C ALA A 265 13.28 -4.01 -0.93
N GLY A 266 13.52 -4.54 0.38
CA GLY A 266 13.38 -5.91 0.79
C GLY A 266 14.00 -6.80 -0.23
N ARG A 267 13.30 -8.05 -0.29
CA ARG A 267 13.72 -9.03 -1.28
C ARG A 267 12.56 -9.34 -2.25
N TRP A 268 12.90 -9.67 -3.50
CA TRP A 268 11.88 -10.03 -4.49
C TRP A 268 11.19 -11.32 -4.05
N GLY A 269 11.78 -11.99 -3.08
CA GLY A 269 11.20 -13.21 -2.53
C GLY A 269 10.94 -14.39 -3.47
N PHE A 270 9.98 -15.21 -3.09
CA PHE A 270 9.64 -16.41 -3.86
C PHE A 270 8.44 -16.26 -4.77
N ASN A 271 7.73 -15.13 -4.70
CA ASN A 271 6.53 -14.97 -5.50
C ASN A 271 6.03 -13.53 -5.46
N PHE A 272 5.57 -13.03 -6.61
CA PHE A 272 5.03 -11.68 -6.72
C PHE A 272 3.52 -11.71 -6.54
N GLU A 273 2.98 -10.75 -5.79
CA GLU A 273 1.56 -10.71 -5.57
C GLU A 273 0.97 -9.33 -5.82
N THR A 274 -0.24 -9.32 -6.31
CA THR A 274 -1.12 -8.18 -6.45
C THR A 274 -0.53 -6.95 -7.11
N GLY A 275 0.10 -7.23 -8.25
CA GLY A 275 0.81 -6.17 -8.95
C GLY A 275 -0.07 -5.02 -9.40
N ASN A 276 0.49 -3.82 -9.38
CA ASN A 276 -0.21 -2.60 -9.83
C ASN A 276 0.73 -1.85 -10.77
N VAL A 277 0.23 -1.53 -11.96
CA VAL A 277 1.05 -0.81 -12.94
C VAL A 277 0.59 0.64 -13.04
N LEU A 278 1.49 1.56 -12.69
CA LEU A 278 1.19 3.00 -12.69
C LEU A 278 2.06 3.80 -13.64
N PHE A 279 1.64 5.02 -13.95
CA PHE A 279 2.39 5.91 -14.82
C PHE A 279 2.29 7.27 -14.16
N LEU A 280 3.34 7.59 -13.42
CA LEU A 280 3.41 8.82 -12.63
C LEU A 280 4.19 10.01 -13.17
N THR A 281 3.70 11.19 -12.79
CA THR A 281 4.32 12.46 -13.13
C THR A 281 4.51 13.16 -11.78
N GLU A 282 5.14 14.32 -11.81
CA GLU A 282 5.37 15.07 -10.59
C GLU A 282 4.07 15.64 -10.05
N GLU A 283 2.99 15.49 -10.81
CA GLU A 283 1.69 16.00 -10.38
C GLU A 283 0.68 14.90 -10.10
N GLY A 284 0.80 13.77 -10.79
CA GLY A 284 -0.13 12.69 -10.57
C GLY A 284 0.00 11.47 -11.47
N HIS A 285 -1.07 11.13 -12.18
CA HIS A 285 -1.07 9.96 -13.05
C HIS A 285 -1.36 10.30 -14.52
N ASP A 286 -0.44 9.90 -15.41
CA ASP A 286 -0.59 10.13 -16.85
C ASP A 286 -0.02 8.96 -17.63
N PRO A 287 -0.89 8.15 -18.26
CA PRO A 287 -0.51 6.96 -19.04
C PRO A 287 0.22 7.26 -20.35
N GLN A 288 0.58 8.59 -20.63
CA GLN A 288 1.29 8.99 -21.83
C GLN A 288 2.61 9.67 -21.48
N THR A 289 2.53 10.46 -20.43
CA THR A 289 3.73 11.17 -20.00
C THR A 289 4.35 10.57 -18.74
N GLY A 290 3.52 9.91 -17.92
CA GLY A 290 4.01 9.33 -16.68
C GLY A 290 5.09 8.27 -16.76
N GLU A 291 6.01 8.29 -15.79
CA GLU A 291 7.08 7.30 -15.74
C GLU A 291 6.46 6.02 -15.16
N VAL A 292 6.91 4.87 -15.64
CA VAL A 292 6.37 3.59 -15.17
C VAL A 292 6.81 3.24 -13.77
N PHE A 293 5.83 2.91 -12.94
CA PHE A 293 6.03 2.52 -11.55
C PHE A 293 5.24 1.23 -11.32
N VAL A 294 5.69 0.41 -10.39
CA VAL A 294 4.96 -0.82 -10.08
C VAL A 294 4.97 -1.08 -8.59
N THR A 295 3.79 -1.32 -8.02
CA THR A 295 3.70 -1.64 -6.61
C THR A 295 3.34 -3.13 -6.60
N LEU A 296 3.77 -3.85 -5.57
CA LEU A 296 3.52 -5.29 -5.50
C LEU A 296 3.95 -5.86 -4.16
N GLY A 297 3.33 -6.96 -3.79
CA GLY A 297 3.72 -7.61 -2.56
C GLY A 297 4.65 -8.74 -3.00
N THR A 298 5.66 -9.05 -2.19
CA THR A 298 6.58 -10.15 -2.49
C THR A 298 6.55 -11.04 -1.27
N GLU A 299 6.55 -12.35 -1.50
CA GLU A 299 6.48 -13.33 -0.41
C GLU A 299 7.84 -13.92 -0.11
N GLY A 300 8.29 -13.75 1.12
CA GLY A 300 9.58 -14.26 1.51
C GLY A 300 9.51 -15.40 2.51
N SER A 301 10.65 -16.06 2.68
CA SER A 301 10.78 -17.18 3.59
C SER A 301 12.22 -17.35 4.03
N GLY A 302 12.38 -17.81 5.27
CA GLY A 302 13.71 -18.07 5.76
C GLY A 302 13.89 -19.56 5.49
N LEU A 303 15.06 -20.09 5.77
CA LEU A 303 15.31 -21.52 5.55
C LEU A 303 15.54 -22.14 6.92
N PRO A 304 14.96 -23.34 7.16
CA PRO A 304 14.14 -24.13 6.24
C PRO A 304 12.75 -23.54 6.06
N ILE A 305 12.11 -23.92 4.95
CA ILE A 305 10.77 -23.44 4.61
C ILE A 305 9.66 -24.20 5.32
N VAL A 306 8.61 -23.48 5.68
CA VAL A 306 7.44 -24.09 6.33
C VAL A 306 6.34 -24.11 5.27
N PRO A 307 6.03 -25.29 4.73
CA PRO A 307 5.00 -25.48 3.69
C PRO A 307 3.75 -24.65 3.89
N GLN A 308 3.39 -23.89 2.87
CA GLN A 308 2.22 -23.02 2.89
C GLN A 308 2.34 -21.82 3.84
N VAL A 309 3.56 -21.49 4.22
CA VAL A 309 3.79 -20.34 5.09
C VAL A 309 4.76 -19.37 4.44
N SER A 310 4.43 -18.08 4.49
CA SER A 310 5.29 -17.04 3.96
C SER A 310 5.62 -16.20 5.17
N SER A 311 6.85 -16.29 5.65
CA SER A 311 7.30 -15.56 6.82
C SER A 311 7.33 -14.05 6.64
N ILE A 312 7.58 -13.62 5.41
CA ILE A 312 7.66 -12.20 5.06
C ILE A 312 6.68 -11.79 3.95
N HIS A 313 5.95 -10.70 4.18
CA HIS A 313 5.00 -10.14 3.19
C HIS A 313 5.39 -8.68 2.96
N ASP A 314 6.25 -8.43 1.98
CA ASP A 314 6.70 -7.08 1.69
C ASP A 314 5.81 -6.30 0.73
N MET A 315 5.55 -5.05 1.07
CA MET A 315 4.74 -4.15 0.27
C MET A 315 5.72 -3.19 -0.41
N LEU A 316 6.23 -3.64 -1.55
CA LEU A 316 7.23 -2.89 -2.32
C LEU A 316 6.66 -2.08 -3.47
N TRP A 317 7.57 -1.33 -4.10
CA TRP A 317 7.23 -0.55 -5.27
C TRP A 317 8.56 -0.39 -5.99
N ALA A 318 8.51 -0.22 -7.30
CA ALA A 318 9.70 -0.04 -8.11
C ALA A 318 9.31 0.88 -9.27
N ALA A 319 10.32 1.51 -9.87
CA ALA A 319 10.11 2.41 -11.00
C ALA A 319 11.20 2.11 -12.03
N GLY A 320 10.93 2.39 -13.30
CA GLY A 320 11.93 2.11 -14.32
C GLY A 320 11.35 2.25 -15.72
N GLU A 321 12.16 1.96 -16.73
CA GLU A 321 11.71 2.08 -18.11
C GLU A 321 11.24 0.75 -18.67
N VAL A 322 10.52 0.83 -19.79
CA VAL A 322 10.01 -0.35 -20.46
C VAL A 322 10.57 -0.33 -21.87
N GLY A 323 11.13 -1.44 -22.31
CA GLY A 323 11.67 -1.49 -23.65
C GLY A 323 11.37 -2.78 -24.39
N VAL A 324 11.81 -2.86 -25.64
CA VAL A 324 11.69 -4.08 -26.41
C VAL A 324 12.46 -5.23 -25.77
N GLY A 325 12.13 -6.46 -26.12
CA GLY A 325 12.82 -7.58 -25.53
C GLY A 325 14.09 -7.88 -26.27
N SER A 326 15.04 -6.94 -26.31
CA SER A 326 16.24 -7.22 -27.13
C SER A 326 15.99 -7.79 -28.57
N GLU A 327 16.87 -8.87 -28.74
CA GLU A 327 16.78 -9.42 -30.07
C GLU A 327 16.36 -10.85 -29.89
N GLN A 328 16.04 -11.37 -28.75
CA GLN A 328 15.73 -12.79 -28.62
C GLN A 328 14.22 -13.05 -28.56
N GLU A 329 13.80 -14.27 -28.89
CA GLU A 329 12.38 -14.59 -28.95
C GLU A 329 11.83 -14.84 -27.55
N GLY A 330 11.44 -13.77 -26.86
CA GLY A 330 10.91 -13.89 -25.52
C GLY A 330 9.82 -12.87 -25.26
N ALA A 331 9.87 -12.21 -24.11
CA ALA A 331 8.87 -11.20 -23.76
C ALA A 331 8.88 -10.06 -24.77
N LYS A 332 7.70 -9.68 -25.26
CA LYS A 332 7.60 -8.58 -26.22
C LYS A 332 8.25 -7.36 -25.61
N VAL A 333 7.91 -7.06 -24.37
CA VAL A 333 8.46 -5.92 -23.68
C VAL A 333 9.06 -6.34 -22.35
N GLU A 334 9.86 -5.45 -21.76
CA GLU A 334 10.49 -5.75 -20.49
C GLU A 334 10.60 -4.52 -19.60
N PHE A 335 10.22 -4.69 -18.34
CA PHE A 335 10.28 -3.64 -17.34
C PHE A 335 11.65 -3.72 -16.69
N SER A 336 12.38 -2.61 -16.69
CA SER A 336 13.71 -2.57 -16.09
C SER A 336 13.71 -1.58 -14.95
N PRO A 337 13.86 -2.07 -13.71
CA PRO A 337 13.88 -1.19 -12.54
C PRO A 337 15.13 -0.32 -12.49
N SER A 338 14.95 0.92 -12.04
CA SER A 338 16.05 1.85 -11.89
C SER A 338 16.14 2.19 -10.40
N MET A 339 15.01 2.02 -9.71
CA MET A 339 14.94 2.29 -8.29
C MET A 339 13.75 1.51 -7.71
N ALA A 340 13.78 1.25 -6.41
CA ALA A 340 12.72 0.51 -5.74
C ALA A 340 12.73 0.75 -4.23
N GLY A 341 11.56 0.58 -3.60
CA GLY A 341 11.45 0.76 -2.16
C GLY A 341 10.28 0.05 -1.53
N PHE A 342 9.70 0.66 -0.51
CA PHE A 342 8.55 0.10 0.21
C PHE A 342 7.40 1.10 0.14
N LEU A 343 6.19 0.62 -0.16
CA LEU A 343 5.02 1.49 -0.18
C LEU A 343 4.63 1.68 1.28
N ASP A 344 4.91 0.67 2.10
CA ASP A 344 4.66 0.74 3.52
C ASP A 344 5.56 -0.27 4.22
N TRP A 345 6.34 0.19 5.19
CA TRP A 345 7.27 -0.67 5.93
C TRP A 345 6.64 -1.52 7.04
N GLY A 346 5.31 -1.47 7.16
CA GLY A 346 4.66 -2.26 8.20
C GLY A 346 4.72 -3.76 7.92
N PHE A 347 4.92 -4.54 8.97
CA PHE A 347 4.96 -5.98 8.86
C PHE A 347 3.64 -6.46 8.28
N SER A 348 2.56 -5.94 8.86
CA SER A 348 1.21 -6.30 8.48
C SER A 348 0.64 -5.55 7.28
N ALA A 349 1.43 -4.70 6.62
CA ALA A 349 0.91 -3.93 5.49
C ALA A 349 1.15 -4.72 4.22
N TYR A 350 0.22 -4.73 3.27
CA TYR A 350 0.46 -5.65 2.16
C TYR A 350 -0.63 -5.57 1.09
N ALA A 351 -0.41 -6.29 0.06
CA ALA A 351 -1.43 -6.37 -0.99
C ALA A 351 -2.09 -5.09 -1.48
N ALA A 352 -1.34 -4.06 -1.85
CA ALA A 352 -1.98 -2.78 -2.24
C ALA A 352 -2.87 -2.89 -3.50
N ALA A 353 -3.95 -2.09 -3.59
CA ALA A 353 -4.75 -2.07 -4.81
C ALA A 353 -5.13 -0.61 -5.01
N GLY A 354 -4.62 -0.03 -6.09
CA GLY A 354 -4.90 1.36 -6.39
C GLY A 354 -5.68 1.52 -7.68
N LYS A 355 -5.93 2.76 -8.06
CA LYS A 355 -6.67 3.02 -9.28
C LYS A 355 -6.49 4.46 -9.67
N VAL A 356 -6.67 4.72 -10.95
CA VAL A 356 -6.56 6.09 -11.42
C VAL A 356 -7.85 6.76 -10.95
N LEU A 357 -7.72 8.00 -10.47
CA LEU A 357 -8.88 8.78 -10.04
C LEU A 357 -8.84 10.01 -10.94
N PRO A 358 -9.65 10.00 -12.01
CA PRO A 358 -9.75 11.07 -13.01
C PRO A 358 -10.20 12.41 -12.45
N ALA A 359 -9.70 13.48 -13.06
CA ALA A 359 -10.07 14.81 -12.64
C ALA A 359 -11.57 14.99 -12.94
N SER A 360 -12.10 14.13 -13.81
CA SER A 360 -13.50 14.19 -14.17
C SER A 360 -14.36 13.47 -13.15
N SER A 361 -13.73 12.82 -12.18
CA SER A 361 -14.49 12.11 -11.14
C SER A 361 -15.27 13.09 -10.28
N ALA A 362 -16.36 12.62 -9.68
CA ALA A 362 -17.18 13.46 -8.83
C ALA A 362 -16.29 13.96 -7.69
N VAL A 363 -15.50 13.05 -7.15
CA VAL A 363 -14.59 13.36 -6.07
C VAL A 363 -13.72 14.56 -6.43
N SER A 364 -13.06 14.49 -7.57
CA SER A 364 -12.18 15.57 -8.01
C SER A 364 -12.87 16.90 -8.36
N LYS A 365 -14.05 16.85 -8.97
CA LYS A 365 -14.77 18.07 -9.30
C LYS A 365 -15.11 18.79 -8.00
N THR A 366 -15.84 18.10 -7.13
CA THR A 366 -16.23 18.66 -5.86
C THR A 366 -15.04 19.25 -5.12
N SER A 367 -13.97 18.47 -5.04
CA SER A 367 -12.74 18.90 -4.36
C SER A 367 -11.93 19.93 -5.14
N GLY A 368 -12.14 19.99 -6.44
CA GLY A 368 -11.41 20.94 -7.26
C GLY A 368 -10.02 20.51 -7.75
N VAL A 369 -9.79 19.21 -7.88
CA VAL A 369 -8.50 18.72 -8.37
C VAL A 369 -8.52 18.79 -9.90
N GLU A 370 -7.47 19.36 -10.47
CA GLU A 370 -7.37 19.57 -11.92
C GLU A 370 -6.65 18.49 -12.71
N VAL A 371 -6.00 17.57 -12.02
CA VAL A 371 -5.25 16.52 -12.69
C VAL A 371 -5.77 15.14 -12.36
N ASP A 372 -5.22 14.13 -13.03
CA ASP A 372 -5.60 12.77 -12.76
C ASP A 372 -4.68 12.27 -11.65
N ARG A 373 -5.25 11.54 -10.70
CA ARG A 373 -4.45 11.01 -9.61
C ARG A 373 -4.50 9.49 -9.65
N TYR A 374 -3.63 8.87 -8.87
CA TYR A 374 -3.61 7.41 -8.75
C TYR A 374 -3.70 7.20 -7.25
N VAL A 375 -4.85 6.71 -6.79
CA VAL A 375 -5.08 6.47 -5.37
C VAL A 375 -4.83 5.00 -5.02
N SER A 376 -4.06 4.78 -3.97
CA SER A 376 -3.69 3.44 -3.52
C SER A 376 -4.27 3.11 -2.13
N PHE A 377 -4.75 1.87 -1.98
CA PHE A 377 -5.32 1.39 -0.73
C PHE A 377 -4.50 0.20 -0.27
N VAL A 378 -3.78 0.35 0.84
CA VAL A 378 -2.96 -0.73 1.36
C VAL A 378 -3.71 -1.55 2.40
N TRP A 379 -3.48 -2.86 2.37
CA TRP A 379 -4.13 -3.76 3.32
C TRP A 379 -3.34 -3.82 4.63
N LEU A 380 -4.06 -3.86 5.74
CA LEU A 380 -3.40 -4.00 7.02
C LEU A 380 -4.06 -5.22 7.63
N THR A 381 -3.48 -6.39 7.35
CA THR A 381 -4.03 -7.64 7.88
C THR A 381 -4.14 -7.52 9.40
N GLY A 382 -5.22 -8.06 9.96
CA GLY A 382 -5.43 -7.96 11.39
C GLY A 382 -4.86 -9.08 12.23
N ASP A 383 -4.59 -10.23 11.61
CA ASP A 383 -4.07 -11.39 12.32
C ASP A 383 -2.75 -11.92 11.74
N GLN A 384 -1.86 -11.00 11.41
CA GLN A 384 -0.55 -11.34 10.85
C GLN A 384 -0.69 -12.44 9.77
N TYR A 385 -1.48 -12.15 8.74
CA TYR A 385 -1.68 -13.10 7.65
C TYR A 385 -2.13 -14.48 8.14
N GLU A 386 -2.94 -14.48 9.20
CA GLU A 386 -3.48 -15.70 9.79
C GLU A 386 -2.47 -16.64 10.44
N GLN A 387 -1.39 -16.08 10.97
CA GLN A 387 -0.37 -16.85 11.65
C GLN A 387 -0.29 -16.37 13.10
N ALA A 388 -1.25 -15.53 13.50
CA ALA A 388 -1.27 -14.99 14.85
C ALA A 388 -1.40 -16.12 15.87
N ASP A 389 -0.91 -15.87 17.09
CA ASP A 389 -0.97 -16.89 18.13
C ASP A 389 -2.21 -16.78 18.99
N GLY A 390 -3.34 -17.18 18.43
CA GLY A 390 -4.59 -17.14 19.17
C GLY A 390 -5.17 -15.76 19.46
N PHE A 391 -5.18 -14.86 18.48
CA PHE A 391 -5.76 -13.54 18.70
C PHE A 391 -7.23 -13.76 19.06
N PRO A 392 -7.78 -12.95 19.99
CA PRO A 392 -9.19 -13.09 20.41
C PRO A 392 -10.14 -12.60 19.31
N THR A 393 -10.13 -13.32 18.20
CA THR A 393 -10.94 -12.99 17.02
C THR A 393 -12.45 -13.07 17.23
N ALA A 394 -12.90 -14.11 17.91
CA ALA A 394 -14.33 -14.25 18.16
C ALA A 394 -14.79 -13.10 19.07
N GLN A 395 -13.90 -12.66 19.96
CA GLN A 395 -14.23 -11.57 20.87
C GLN A 395 -14.29 -10.20 20.20
N GLN A 396 -13.47 -10.01 19.17
CA GLN A 396 -13.44 -8.73 18.47
C GLN A 396 -14.61 -8.58 17.50
N GLY A 397 -14.94 -9.66 16.82
CA GLY A 397 -16.03 -9.60 15.87
C GLY A 397 -15.63 -9.09 14.48
N TRP A 398 -14.35 -8.83 14.27
CA TRP A 398 -13.87 -8.34 12.97
C TRP A 398 -12.36 -8.53 12.86
N THR A 399 -11.84 -8.44 11.65
CA THR A 399 -10.42 -8.68 11.43
C THR A 399 -9.90 -7.83 10.28
N GLY A 400 -8.87 -7.04 10.56
CA GLY A 400 -8.25 -6.21 9.54
C GLY A 400 -8.96 -4.93 9.13
N SER A 401 -8.22 -4.12 8.38
CA SER A 401 -8.71 -2.86 7.87
C SER A 401 -7.83 -2.46 6.69
N LEU A 402 -8.22 -1.41 5.98
CA LEU A 402 -7.41 -0.89 4.88
C LEU A 402 -6.78 0.37 5.47
N LEU A 403 -5.62 0.77 4.95
CA LEU A 403 -4.97 1.98 5.45
C LEU A 403 -5.60 3.17 4.73
N LEU A 404 -5.29 4.38 5.18
CA LEU A 404 -5.83 5.58 4.56
C LEU A 404 -5.48 5.67 3.08
N PRO A 405 -6.43 6.10 2.23
CA PRO A 405 -6.17 6.22 0.79
C PRO A 405 -4.91 7.07 0.59
N ARG A 406 -4.07 6.69 -0.37
CA ARG A 406 -2.85 7.46 -0.60
C ARG A 406 -2.65 7.83 -2.07
N GLU A 407 -2.12 9.04 -2.26
CA GLU A 407 -1.82 9.57 -3.58
C GLU A 407 -0.38 9.21 -3.90
N LEU A 408 -0.16 8.63 -5.08
CA LEU A 408 1.17 8.24 -5.52
C LEU A 408 1.57 9.08 -6.72
N LYS A 409 2.79 9.60 -6.71
CA LYS A 409 3.28 10.44 -7.79
C LYS A 409 4.80 10.47 -7.73
N VAL A 410 5.41 11.22 -8.63
CA VAL A 410 6.86 11.33 -8.63
C VAL A 410 7.15 12.51 -7.69
N GLN A 411 7.95 12.25 -6.67
CA GLN A 411 8.31 13.30 -5.72
C GLN A 411 9.78 13.64 -5.92
N THR A 412 10.09 14.93 -5.92
CA THR A 412 11.46 15.37 -6.09
C THR A 412 11.97 15.91 -4.77
N VAL A 413 13.27 15.77 -4.55
CA VAL A 413 13.92 16.27 -3.35
C VAL A 413 14.95 17.22 -3.94
N GLU A 414 14.72 18.51 -3.77
CA GLU A 414 15.61 19.50 -4.34
C GLU A 414 16.72 19.97 -3.44
N ASN A 415 17.68 20.67 -4.05
CA ASN A 415 18.84 21.23 -3.35
C ASN A 415 19.54 20.24 -2.46
N VAL A 416 19.73 19.02 -2.97
CA VAL A 416 20.39 17.96 -2.22
C VAL A 416 21.89 17.95 -2.51
N VAL A 417 22.70 17.86 -1.45
CA VAL A 417 24.14 17.82 -1.63
C VAL A 417 24.49 16.47 -2.24
N ASP A 418 25.13 16.50 -3.42
CA ASP A 418 25.51 15.29 -4.13
C ASP A 418 26.68 14.51 -3.53
N ASN A 419 26.43 13.82 -2.40
CA ASN A 419 27.48 13.05 -1.74
C ASN A 419 27.18 11.55 -1.67
N GLU A 420 28.04 10.81 -0.97
CA GLU A 420 27.88 9.36 -0.83
C GLU A 420 26.49 8.95 -0.40
N LEU A 421 25.80 9.86 0.30
CA LEU A 421 24.45 9.56 0.76
C LEU A 421 23.47 9.55 -0.40
N VAL A 422 23.85 10.20 -1.49
CA VAL A 422 23.01 10.26 -2.68
C VAL A 422 23.45 9.32 -3.78
N ARG A 423 24.69 8.85 -3.72
CA ARG A 423 25.19 7.97 -4.77
C ARG A 423 25.30 6.49 -4.41
N GLU A 424 24.80 6.13 -3.23
CA GLU A 424 24.83 4.73 -2.80
C GLU A 424 24.17 3.85 -3.85
N GLU A 425 24.46 2.55 -3.79
CA GLU A 425 23.88 1.61 -4.76
C GLU A 425 22.59 0.96 -4.28
N GLY A 426 21.68 0.72 -5.22
CA GLY A 426 20.42 0.09 -4.89
C GLY A 426 19.59 0.86 -3.89
N VAL A 427 19.28 2.12 -4.21
CA VAL A 427 18.48 2.96 -3.33
C VAL A 427 17.08 3.14 -3.91
N SER A 428 16.27 3.91 -3.18
CA SER A 428 14.90 4.15 -3.56
C SER A 428 14.72 5.51 -4.21
N TRP A 429 15.68 5.88 -5.05
CA TRP A 429 15.63 7.18 -5.71
C TRP A 429 16.70 7.28 -6.79
N VAL A 430 16.49 8.20 -7.73
CA VAL A 430 17.45 8.45 -8.80
C VAL A 430 17.73 9.94 -8.84
N VAL A 431 18.92 10.33 -9.25
CA VAL A 431 19.26 11.75 -9.34
C VAL A 431 18.69 12.44 -10.58
N GLY A 432 17.80 13.42 -10.37
CA GLY A 432 17.27 14.21 -11.46
C GLY A 432 18.33 15.04 -12.18
N GLU A 433 18.88 16.05 -11.50
CA GLU A 433 19.87 16.90 -12.14
C GLU A 433 20.89 17.26 -11.08
N SER A 434 22.11 17.50 -11.54
CA SER A 434 23.27 17.40 -10.70
C SER A 434 24.40 18.01 -11.49
N ASP A 435 24.93 19.06 -10.92
CA ASP A 435 25.80 19.99 -11.60
C ASP A 435 27.05 19.50 -10.98
N ASN A 436 26.96 18.69 -10.05
CA ASN A 436 28.05 17.96 -9.39
C ASN A 436 28.35 18.66 -8.07
N GLN A 437 27.79 19.97 -8.18
CA GLN A 437 26.93 20.71 -7.18
C GLN A 437 25.50 20.10 -6.82
N THR A 438 24.46 20.88 -6.39
CA THR A 438 23.21 20.24 -5.94
C THR A 438 22.59 19.22 -6.94
N ALA A 439 22.01 18.14 -6.41
CA ALA A 439 21.26 17.16 -7.18
C ALA A 439 19.81 17.02 -6.74
N THR A 440 18.90 17.21 -7.69
CA THR A 440 17.48 17.02 -7.43
C THR A 440 17.29 15.51 -7.55
N LEU A 441 16.54 14.92 -6.64
CA LEU A 441 16.29 13.48 -6.67
C LEU A 441 14.84 13.22 -7.06
N ARG A 442 14.61 12.06 -7.69
CA ARG A 442 13.26 11.69 -8.10
C ARG A 442 12.93 10.40 -7.39
N THR A 443 11.81 10.39 -6.69
CA THR A 443 11.39 9.18 -5.98
C THR A 443 9.88 9.05 -5.93
N LEU A 444 9.39 7.98 -5.32
CA LEU A 444 7.95 7.79 -5.21
C LEU A 444 7.39 8.67 -4.11
N GLY A 445 6.38 9.47 -4.46
CA GLY A 445 5.76 10.34 -3.49
C GLY A 445 4.59 9.63 -2.82
N ILE A 446 4.53 9.66 -1.49
CA ILE A 446 3.46 9.02 -0.74
C ILE A 446 2.82 10.03 0.22
N THR A 447 1.55 10.33 0.00
CA THR A 447 0.80 11.26 0.84
C THR A 447 -0.63 10.76 1.02
N ILE A 448 -1.28 11.23 2.07
CA ILE A 448 -2.68 10.84 2.35
C ILE A 448 -3.51 11.56 1.29
N ALA A 449 -4.50 10.87 0.72
CA ALA A 449 -5.36 11.51 -0.29
C ALA A 449 -5.82 12.84 0.34
N ARG A 450 -5.62 13.94 -0.37
CA ARG A 450 -5.95 15.25 0.15
C ARG A 450 -7.33 15.43 0.78
N GLU A 451 -8.37 14.89 0.14
CA GLU A 451 -9.71 15.02 0.72
C GLU A 451 -9.79 14.28 2.05
N THR A 452 -9.09 13.14 2.14
CA THR A 452 -9.10 12.38 3.37
C THR A 452 -8.32 13.13 4.43
N LYS A 453 -7.20 13.71 4.06
CA LYS A 453 -6.42 14.45 5.02
C LYS A 453 -7.23 15.64 5.53
N ALA A 454 -7.95 16.29 4.61
CA ALA A 454 -8.78 17.43 4.99
C ALA A 454 -9.86 16.98 5.95
N ALA A 455 -10.48 15.84 5.67
CA ALA A 455 -11.54 15.32 6.53
C ALA A 455 -11.03 14.93 7.92
N LEU A 456 -9.76 14.55 8.01
CA LEU A 456 -9.17 14.18 9.30
C LEU A 456 -8.99 15.39 10.22
N LEU A 457 -8.57 16.51 9.66
CA LEU A 457 -8.35 17.73 10.43
C LEU A 457 -9.59 18.60 10.36
N ALA A 458 -10.63 18.18 9.80
CA ALA A 458 -11.80 18.98 9.51
C ALA A 458 -12.52 19.58 10.73
N ASN A 459 -12.85 18.83 11.83
CA ASN A 459 -13.39 19.47 13.02
C ASN A 459 -12.67 19.05 14.31
N GLY A 460 -11.40 18.72 14.17
CA GLY A 460 -10.63 18.30 15.32
C GLY A 460 -10.11 19.46 16.14
N SER A 461 -10.00 19.26 17.45
CA SER A 461 -9.48 20.30 18.32
C SER A 461 -7.97 20.36 18.13
N VAL A 462 -7.42 21.57 18.02
CA VAL A 462 -5.99 21.73 17.82
C VAL A 462 -5.25 22.22 19.06
N THR A 463 -4.18 21.54 19.40
CA THR A 463 -3.37 21.92 20.55
C THR A 463 -1.91 21.87 20.15
N ALA A 464 -1.25 23.02 20.18
CA ALA A 464 0.14 23.11 19.81
C ALA A 464 1.05 22.93 21.02
N GLU A 465 2.33 22.69 20.73
CA GLU A 465 3.37 22.53 21.76
C GLU A 465 4.52 23.44 21.34
N GLU A 466 5.08 24.17 22.30
CA GLU A 466 6.18 25.09 22.05
C GLU A 466 7.40 24.37 21.47
N ASP A 467 8.04 24.98 20.46
CA ASP A 467 9.23 24.40 19.88
C ASP A 467 10.14 24.07 21.07
N ARG A 468 10.92 23.01 20.96
CA ARG A 468 11.78 22.61 22.06
C ARG A 468 13.04 21.88 21.57
N THR A 469 14.10 21.96 22.36
CA THR A 469 15.37 21.31 22.03
C THR A 469 15.72 20.36 23.17
N LEU A 470 16.25 19.19 22.83
CA LEU A 470 16.63 18.22 23.85
C LEU A 470 18.04 17.72 23.62
N GLN A 471 18.85 17.71 24.68
CA GLN A 471 20.23 17.28 24.59
C GLN A 471 20.47 16.07 25.48
N THR A 472 20.05 16.19 26.75
CA THR A 472 20.19 15.07 27.68
C THR A 472 18.97 14.16 27.56
N ALA A 473 19.16 12.89 27.90
CA ALA A 473 18.09 11.90 27.83
C ALA A 473 16.87 12.42 28.59
N ALA A 474 15.70 12.35 27.96
CA ALA A 474 14.50 12.82 28.62
C ALA A 474 13.19 12.37 27.98
N VAL A 475 12.14 12.40 28.78
CA VAL A 475 10.79 12.04 28.35
C VAL A 475 9.94 13.18 28.91
N VAL A 476 9.53 14.09 28.03
CA VAL A 476 8.75 15.23 28.45
C VAL A 476 7.32 15.18 27.92
N PRO A 477 6.35 14.88 28.81
CA PRO A 477 4.95 14.81 28.40
C PRO A 477 4.47 16.15 27.90
N PHE A 478 3.58 16.13 26.93
CA PHE A 478 3.04 17.35 26.36
C PHE A 478 2.39 18.22 27.43
N ALA A 479 2.33 19.53 27.18
CA ALA A 479 1.72 20.44 28.13
C ALA A 479 0.25 20.01 28.28
N GLN A 480 -0.26 19.35 27.25
CA GLN A 480 -1.63 18.88 27.23
C GLN A 480 -1.75 17.75 26.21
N SER A 481 -2.27 16.60 26.64
CA SER A 481 -2.42 15.45 25.74
C SER A 481 -3.89 15.22 25.42
N PRO A 482 -4.17 14.54 24.28
CA PRO A 482 -5.57 14.29 23.94
C PRO A 482 -6.19 13.39 25.00
N SER A 483 -7.52 13.33 25.04
CA SER A 483 -8.16 12.47 26.02
C SER A 483 -8.80 11.25 25.34
N SER A 484 -8.37 10.97 24.12
CA SER A 484 -8.88 9.83 23.37
C SER A 484 -7.79 9.35 22.41
N LYS A 485 -8.03 8.21 21.79
CA LYS A 485 -7.08 7.62 20.86
C LYS A 485 -7.46 7.87 19.40
N PHE A 486 -7.85 9.10 19.10
CA PHE A 486 -8.22 9.49 17.73
C PHE A 486 -7.61 10.87 17.51
N PHE A 487 -6.45 10.90 16.87
CA PHE A 487 -5.77 12.17 16.65
C PHE A 487 -4.68 12.12 15.58
N VAL A 488 -4.26 13.30 15.15
CA VAL A 488 -3.19 13.44 14.17
C VAL A 488 -2.06 14.23 14.84
N LEU A 489 -0.90 13.61 14.96
CA LEU A 489 0.24 14.27 15.57
C LEU A 489 1.20 14.65 14.45
N THR A 490 1.59 15.92 14.40
CA THR A 490 2.53 16.41 13.38
C THR A 490 3.70 17.13 14.05
N ALA A 491 4.89 16.90 13.53
CA ALA A 491 6.08 17.52 14.10
C ALA A 491 7.27 17.49 13.16
N GLN A 492 8.14 18.46 13.36
CA GLN A 492 9.35 18.54 12.58
C GLN A 492 10.52 18.43 13.55
N LEU A 493 11.44 17.52 13.22
CA LEU A 493 12.61 17.27 14.02
C LEU A 493 13.84 17.67 13.23
N GLU A 494 14.74 18.43 13.87
CA GLU A 494 15.96 18.86 13.22
C GLU A 494 17.15 18.32 13.98
N PHE A 495 18.09 17.73 13.25
CA PHE A 495 19.27 17.14 13.85
C PHE A 495 20.53 17.84 13.37
N PRO A 496 21.59 17.82 14.19
CA PRO A 496 22.86 18.44 13.84
C PRO A 496 23.69 17.44 13.04
N ALA A 497 24.41 17.94 12.03
CA ALA A 497 25.23 17.08 11.20
C ALA A 497 25.94 16.04 12.05
N SER A 498 26.36 16.45 13.24
CA SER A 498 27.07 15.58 14.17
C SER A 498 26.30 14.35 14.64
N ALA A 499 24.99 14.33 14.38
CA ALA A 499 24.18 13.20 14.82
C ALA A 499 24.24 11.96 13.94
N ARG A 500 24.52 12.13 12.64
CA ARG A 500 24.58 10.98 11.74
C ARG A 500 25.36 9.81 12.29
N SER A 501 26.48 10.13 12.95
CA SER A 501 27.37 9.10 13.49
C SER A 501 27.05 8.62 14.91
N SER A 502 26.12 9.29 15.59
CA SER A 502 25.78 8.90 16.96
C SER A 502 24.67 7.86 17.08
N PRO A 503 24.47 7.34 18.30
CA PRO A 503 23.44 6.33 18.61
C PRO A 503 22.12 7.02 18.97
N LEU A 504 21.91 8.21 18.41
CA LEU A 504 20.70 8.98 18.69
C LEU A 504 19.37 8.33 18.32
N GLN A 505 18.40 8.49 19.22
CA GLN A 505 17.04 8.00 19.06
C GLN A 505 16.17 9.14 19.60
N SER A 506 15.39 9.78 18.73
CA SER A 506 14.53 10.87 19.16
C SER A 506 13.17 10.77 18.48
N GLY A 507 12.11 11.00 19.23
CA GLY A 507 10.78 10.95 18.68
C GLY A 507 9.75 11.33 19.73
N PHE A 508 8.75 10.47 19.89
CA PHE A 508 7.68 10.69 20.85
C PHE A 508 7.22 9.37 21.44
N GLU A 509 6.41 9.47 22.49
CA GLU A 509 5.80 8.33 23.12
C GLU A 509 4.31 8.66 23.05
N ILE A 510 3.51 7.72 22.57
CA ILE A 510 2.08 7.97 22.47
C ILE A 510 1.27 6.85 23.08
N LEU A 511 -0.02 7.10 23.23
CA LEU A 511 -0.94 6.11 23.78
C LEU A 511 -0.39 5.65 25.11
N ALA A 512 0.17 6.61 25.86
CA ALA A 512 0.91 6.34 27.07
C ALA A 512 0.23 6.77 28.36
N SER A 513 0.28 5.87 29.33
CA SER A 513 -0.18 6.08 30.71
C SER A 513 0.96 5.44 31.50
N GLU A 514 0.61 5.08 32.71
CA GLU A 514 1.65 4.54 33.57
C GLU A 514 2.02 3.10 33.21
N LEU A 515 1.00 2.26 32.88
CA LEU A 515 1.22 0.88 32.48
C LEU A 515 1.31 0.60 30.99
N GLU A 516 1.28 1.65 30.17
CA GLU A 516 1.34 1.46 28.72
C GLU A 516 1.99 2.62 27.97
N ARG A 517 2.59 2.31 26.83
CA ARG A 517 3.22 3.32 26.00
C ARG A 517 3.61 2.72 24.66
N THR A 518 3.73 3.58 23.66
CA THR A 518 4.12 3.17 22.31
C THR A 518 5.12 4.22 21.86
N ALA A 519 6.33 3.78 21.50
CA ALA A 519 7.37 4.70 21.08
C ALA A 519 7.58 4.81 19.57
N ILE A 520 7.72 6.06 19.10
CA ILE A 520 7.94 6.34 17.69
C ILE A 520 9.14 7.28 17.57
N TYR A 521 10.27 6.78 17.09
CA TYR A 521 11.47 7.62 16.98
C TYR A 521 12.35 7.36 15.78
N TYR A 522 13.16 8.34 15.43
CA TYR A 522 14.08 8.21 14.31
C TYR A 522 15.42 7.76 14.85
N GLN A 523 16.07 6.86 14.11
CA GLN A 523 17.34 6.30 14.52
C GLN A 523 18.38 6.42 13.40
N PHE A 524 19.49 7.11 13.67
CA PHE A 524 20.55 7.27 12.67
C PHE A 524 21.43 6.03 12.51
N SER A 525 21.58 5.24 13.58
CA SER A 525 22.40 4.04 13.52
C SER A 525 22.09 3.21 12.27
N ASN A 526 20.81 3.12 11.92
CA ASN A 526 20.43 2.40 10.72
C ASN A 526 19.45 3.24 9.95
N GLU A 527 19.44 4.65 10.36
CA GLU A 527 18.56 5.61 9.70
C GLU A 527 17.15 5.06 9.58
N SER A 528 16.49 4.79 10.69
CA SER A 528 15.21 4.10 10.61
C SER A 528 14.16 4.69 11.53
N LEU A 529 12.95 4.86 11.01
CA LEU A 529 11.88 5.33 11.86
C LEU A 529 11.40 4.06 12.53
N VAL A 530 11.42 4.06 13.87
CA VAL A 530 11.04 2.90 14.65
C VAL A 530 9.79 3.08 15.51
N VAL A 531 8.98 2.02 15.54
CA VAL A 531 7.78 2.01 16.37
C VAL A 531 8.03 0.87 17.36
N ASP A 532 8.28 1.23 18.61
CA ASP A 532 8.56 0.27 19.67
C ASP A 532 7.23 -0.05 20.32
N ARG A 533 6.78 -1.30 20.17
CA ARG A 533 5.50 -1.74 20.71
C ARG A 533 5.60 -2.67 21.91
N SER A 534 6.82 -2.82 22.43
CA SER A 534 7.06 -3.70 23.56
C SER A 534 6.24 -3.35 24.79
N GLN A 535 5.76 -2.11 24.87
CA GLN A 535 4.99 -1.70 26.03
C GLN A 535 3.60 -1.14 25.68
N THR A 536 3.22 -1.31 24.42
CA THR A 536 1.95 -0.82 23.93
C THR A 536 0.74 -1.33 24.68
N SER A 537 0.63 -2.65 24.85
CA SER A 537 -0.53 -3.22 25.51
C SER A 537 -0.33 -4.03 26.79
N ALA A 538 -0.97 -3.56 27.87
CA ALA A 538 -0.90 -4.24 29.15
C ALA A 538 -1.42 -5.68 29.01
N ALA A 539 -2.18 -5.95 27.95
CA ALA A 539 -2.75 -7.27 27.71
C ALA A 539 -1.87 -8.23 26.93
N ALA A 540 -0.87 -7.70 26.24
CA ALA A 540 0.00 -8.54 25.42
C ALA A 540 0.80 -9.62 26.13
N PRO A 541 1.41 -9.30 27.29
CA PRO A 541 2.18 -10.31 28.02
C PRO A 541 1.51 -11.68 28.11
N THR A 542 0.23 -11.68 28.47
CA THR A 542 -0.51 -12.93 28.60
C THR A 542 -1.35 -13.33 27.38
N ASN A 543 -1.42 -12.46 26.37
CA ASN A 543 -2.16 -12.76 25.15
C ASN A 543 -1.21 -12.62 23.98
N PRO A 544 -0.50 -13.70 23.66
CA PRO A 544 0.47 -13.73 22.56
C PRO A 544 -0.09 -13.32 21.21
N GLY A 545 -1.40 -13.48 21.04
CA GLY A 545 -2.03 -13.09 19.80
C GLY A 545 -1.79 -11.62 19.50
N LEU A 546 -1.65 -10.81 20.55
CA LEU A 546 -1.38 -9.38 20.38
C LEU A 546 0.12 -9.21 20.11
N ASP A 547 0.51 -9.20 18.83
CA ASP A 547 1.91 -9.06 18.48
C ASP A 547 2.50 -7.76 19.00
N SER A 548 3.68 -7.85 19.62
CA SER A 548 4.33 -6.68 20.18
C SER A 548 5.75 -6.48 19.66
N PHE A 549 6.09 -7.12 18.54
CA PHE A 549 7.44 -6.98 17.99
C PHE A 549 7.62 -5.58 17.39
N THR A 550 8.87 -5.14 17.34
CA THR A 550 9.20 -3.82 16.82
C THR A 550 8.99 -3.68 15.33
N GLU A 551 8.53 -2.50 14.92
CA GLU A 551 8.30 -2.19 13.51
C GLU A 551 9.22 -1.03 13.14
N SER A 552 9.73 -1.04 11.92
CA SER A 552 10.61 0.06 11.50
C SER A 552 10.85 0.07 10.00
N GLY A 553 11.24 1.24 9.50
CA GLY A 553 11.53 1.38 8.09
C GLY A 553 12.69 2.33 7.83
N LYS A 554 13.38 2.12 6.71
CA LYS A 554 14.51 2.99 6.39
C LYS A 554 14.06 4.32 5.81
N LEU A 555 14.68 5.39 6.29
CA LEU A 555 14.40 6.75 5.83
C LEU A 555 15.71 7.54 5.91
N ARG A 556 16.25 7.92 4.76
CA ARG A 556 17.51 8.67 4.75
C ARG A 556 17.30 10.19 4.68
N LEU A 557 17.84 10.88 5.67
CA LEU A 557 17.75 12.33 5.74
C LEU A 557 19.03 12.86 5.09
N PHE A 558 18.88 13.44 3.90
CA PHE A 558 20.02 13.94 3.13
C PHE A 558 20.61 15.27 3.63
N ASP A 559 21.83 15.55 3.16
CA ASP A 559 22.51 16.80 3.51
C ASP A 559 22.03 17.75 2.43
N VAL A 560 21.41 18.84 2.84
CA VAL A 560 20.88 19.79 1.88
C VAL A 560 21.27 21.24 2.16
N ILE A 561 21.08 22.09 1.16
CA ILE A 561 21.39 23.51 1.26
C ILE A 561 20.05 24.24 1.33
N GLU A 562 19.46 24.53 2.60
CA GLU A 562 18.18 25.20 2.79
C GLU A 562 18.25 26.70 2.59
N ASN A 563 19.15 27.42 3.38
CA ASN A 563 19.27 28.87 3.24
C ASN A 563 20.72 29.18 2.92
N GLY A 564 21.13 28.87 1.70
CA GLY A 564 22.51 29.10 1.32
C GLY A 564 23.40 28.45 2.35
N GLN A 565 22.79 27.54 3.13
CA GLN A 565 23.51 26.84 4.17
C GLN A 565 23.18 25.36 4.09
N GLU A 566 24.12 24.52 4.50
CA GLU A 566 23.90 23.08 4.47
C GLU A 566 23.27 22.70 5.80
N GLN A 567 22.75 21.47 5.87
CA GLN A 567 22.11 20.97 7.09
C GLN A 567 21.56 19.57 6.83
N VAL A 568 21.26 18.84 7.89
CA VAL A 568 20.67 17.51 7.76
C VAL A 568 19.23 17.82 7.33
N GLU A 569 18.66 16.98 6.47
CA GLU A 569 17.30 17.23 6.02
C GLU A 569 16.32 17.18 7.20
N THR A 570 15.31 18.05 7.18
CA THR A 570 14.32 18.07 8.25
C THR A 570 13.40 16.86 8.21
N LEU A 571 13.20 16.22 9.35
CA LEU A 571 12.34 15.05 9.46
C LEU A 571 10.91 15.55 9.66
N ASP A 572 10.11 15.48 8.60
CA ASP A 572 8.73 15.94 8.64
C ASP A 572 7.76 14.78 8.95
N LEU A 573 7.31 14.71 10.20
CA LEU A 573 6.42 13.65 10.65
C LEU A 573 4.93 13.96 10.68
N THR A 574 4.12 12.93 10.46
CA THR A 574 2.67 13.06 10.50
C THR A 574 2.16 11.70 10.93
N VAL A 575 1.67 11.63 12.16
CA VAL A 575 1.18 10.37 12.67
C VAL A 575 -0.30 10.40 12.92
N VAL A 576 -1.01 9.49 12.26
CA VAL A 576 -2.45 9.38 12.42
C VAL A 576 -2.75 8.16 13.25
N VAL A 577 -3.37 8.41 14.40
CA VAL A 577 -3.76 7.36 15.34
C VAL A 577 -5.28 7.28 15.29
N ASP A 578 -5.62 6.33 14.45
CA ASP A 578 -7.05 6.07 14.38
C ASP A 578 -7.38 4.86 15.24
N ASN A 579 -7.15 4.98 16.54
CA ASN A 579 -7.46 3.88 17.46
C ASN A 579 -6.38 2.79 17.39
N ALA A 580 -6.79 1.54 17.22
CA ALA A 580 -5.78 0.48 17.10
C ALA A 580 -4.97 0.55 15.80
N VAL A 581 -5.31 1.49 14.93
CA VAL A 581 -4.60 1.64 13.65
C VAL A 581 -3.74 2.91 13.71
N VAL A 582 -2.43 2.72 13.57
CA VAL A 582 -1.44 3.81 13.59
C VAL A 582 -0.67 3.86 12.27
N GLU A 583 -0.57 5.04 11.67
CA GLU A 583 0.14 5.20 10.42
C GLU A 583 1.20 6.30 10.51
N VAL A 584 2.47 5.92 10.28
CA VAL A 584 3.56 6.88 10.36
C VAL A 584 4.03 7.32 8.96
N TYR A 585 3.77 8.59 8.66
CA TYR A 585 4.14 9.20 7.40
C TYR A 585 5.35 10.10 7.64
N ALA A 586 6.22 10.19 6.64
CA ALA A 586 7.42 11.03 6.77
C ALA A 586 7.89 11.59 5.44
N ASN A 587 8.13 12.90 5.42
CA ASN A 587 8.64 13.60 4.25
C ASN A 587 7.97 13.29 2.92
N GLY A 588 6.65 13.12 2.92
CA GLY A 588 5.90 12.88 1.71
C GLY A 588 6.52 11.82 0.82
N ARG A 589 7.23 10.89 1.45
CA ARG A 589 7.88 9.78 0.74
C ARG A 589 8.04 8.54 1.62
N PHE A 590 7.52 8.39 2.88
CA PHE A 590 7.66 7.28 3.80
C PHE A 590 6.30 6.94 4.42
N ALA A 591 6.13 5.66 4.75
CA ALA A 591 4.91 5.19 5.34
C ALA A 591 5.18 3.88 6.10
N LEU A 592 4.85 3.87 7.39
CA LEU A 592 5.01 2.67 8.22
C LEU A 592 3.73 2.54 9.04
N SER A 593 3.02 1.44 8.87
CA SER A 593 1.76 1.22 9.59
C SER A 593 1.76 -0.06 10.42
N THR A 594 1.03 -0.03 11.53
CA THR A 594 0.98 -1.17 12.43
C THR A 594 -0.18 -1.03 13.42
N TRP A 595 -0.41 -2.07 14.22
CA TRP A 595 -1.48 -2.05 15.22
C TRP A 595 -0.88 -1.70 16.58
N ALA A 596 -1.58 -0.86 17.34
CA ALA A 596 -1.13 -0.45 18.67
C ALA A 596 -2.32 -0.63 19.61
N ARG A 597 -2.63 -1.89 19.89
CA ARG A 597 -3.75 -2.25 20.74
C ARG A 597 -3.59 -1.94 22.24
N SER A 598 -3.49 -0.65 22.56
CA SER A 598 -3.37 -0.25 23.95
C SER A 598 -4.72 -0.61 24.57
N TRP A 599 -4.72 -0.83 25.88
CA TRP A 599 -5.93 -1.26 26.60
C TRP A 599 -6.72 -0.24 27.41
N TYR A 600 -6.03 0.48 28.28
CA TYR A 600 -6.69 1.45 29.15
C TYR A 600 -7.16 2.71 28.43
N ASP A 601 -8.27 3.29 28.89
CA ASP A 601 -8.77 4.53 28.29
C ASP A 601 -7.84 5.67 28.73
N ASN A 602 -7.10 5.44 29.80
CA ASN A 602 -6.17 6.44 30.35
C ASN A 602 -4.97 6.67 29.46
N SER A 603 -4.59 5.64 28.71
CA SER A 603 -3.43 5.68 27.83
C SER A 603 -3.56 6.60 26.62
N THR A 604 -3.56 7.90 26.88
CA THR A 604 -3.66 8.91 25.82
C THR A 604 -2.62 10.02 25.95
N GLN A 605 -1.69 9.86 26.90
CA GLN A 605 -0.63 10.85 27.11
C GLN A 605 0.35 10.81 25.94
N ILE A 606 0.90 11.98 25.60
CA ILE A 606 1.90 12.09 24.55
C ILE A 606 3.13 12.79 25.12
N ARG A 607 4.31 12.25 24.85
CA ARG A 607 5.55 12.83 25.38
C ARG A 607 6.64 12.94 24.34
N PHE A 608 7.53 13.92 24.53
CA PHE A 608 8.71 14.12 23.68
C PHE A 608 9.69 13.04 24.18
N PHE A 609 10.49 12.48 23.28
CA PHE A 609 11.48 11.47 23.70
C PHE A 609 12.84 11.73 23.07
N HIS A 610 13.89 11.60 23.88
CA HIS A 610 15.27 11.76 23.41
C HIS A 610 16.13 10.91 24.34
N ASN A 611 17.03 10.12 23.76
CA ASN A 611 17.90 9.25 24.56
C ASN A 611 19.25 9.86 24.89
N GLY A 612 19.32 11.18 24.90
CA GLY A 612 20.56 11.85 25.24
C GLY A 612 21.65 11.78 24.18
N GLU A 613 21.76 10.64 23.51
CA GLU A 613 22.78 10.50 22.47
C GLU A 613 22.50 11.48 21.35
N GLY A 614 23.33 12.50 21.22
CA GLY A 614 23.13 13.48 20.17
C GLY A 614 22.27 14.63 20.66
N GLU A 615 21.69 15.38 19.72
CA GLU A 615 20.82 16.50 20.05
C GLU A 615 19.70 16.68 19.03
N VAL A 616 18.52 17.07 19.51
CA VAL A 616 17.39 17.25 18.60
C VAL A 616 16.58 18.50 18.86
N GLN A 617 16.07 19.07 17.78
CA GLN A 617 15.25 20.27 17.88
C GLN A 617 13.87 20.05 17.26
N PHE A 618 12.86 20.10 18.13
CA PHE A 618 11.47 19.94 17.74
C PHE A 618 10.86 21.26 17.32
N ARG A 619 10.15 21.25 16.21
CA ARG A 619 9.50 22.45 15.72
C ARG A 619 8.12 22.13 15.14
N ASN A 620 7.21 23.09 15.27
CA ASN A 620 5.86 22.93 14.76
C ASN A 620 5.22 21.61 15.19
N VAL A 621 5.24 21.36 16.50
CA VAL A 621 4.62 20.16 17.04
C VAL A 621 3.17 20.51 17.35
N SER A 622 2.24 19.74 16.80
CA SER A 622 0.83 20.00 17.05
C SER A 622 0.01 18.73 16.99
N VAL A 623 -1.17 18.78 17.60
CA VAL A 623 -2.09 17.64 17.66
C VAL A 623 -3.53 18.06 17.38
N SER A 624 -4.16 17.36 16.44
CA SER A 624 -5.56 17.61 16.10
C SER A 624 -6.33 16.37 16.55
N GLU A 625 -7.26 16.55 17.48
CA GLU A 625 -8.01 15.42 18.01
C GLU A 625 -9.43 15.29 17.47
N GLY A 626 -9.91 14.10 17.34
CA GLY A 626 -11.26 13.84 16.87
C GLY A 626 -11.41 13.02 15.59
N LEU A 627 -10.55 13.28 14.52
CA LEU A 627 -10.63 12.62 13.22
C LEU A 627 -12.07 12.82 12.75
N TYR A 628 -12.71 11.76 12.23
CA TYR A 628 -14.09 11.86 11.76
C TYR A 628 -14.66 10.48 11.43
N ASN A 629 -15.98 10.43 11.21
CA ASN A 629 -16.66 9.18 10.90
C ASN A 629 -16.70 8.92 9.40
N ALA A 630 -15.97 7.89 8.97
CA ALA A 630 -15.92 7.54 7.56
C ALA A 630 -17.19 6.85 7.07
N TRP A 631 -18.00 6.32 7.99
CA TRP A 631 -19.24 5.64 7.60
C TRP A 631 -20.50 6.19 8.28
N PRO A 632 -20.92 7.42 7.91
CA PRO A 632 -22.12 8.04 8.51
C PRO A 632 -23.38 7.15 8.47
N GLU A 633 -23.65 6.56 7.31
CA GLU A 633 -24.82 5.70 7.14
C GLU A 633 -24.86 4.42 7.98
N ARG A 634 -23.79 4.09 8.68
CA ARG A 634 -23.84 2.87 9.50
C ARG A 634 -24.39 3.20 10.89
#